data_8E8C
#
_entry.id   8E8C
#
_cell.length_a   97.800
_cell.length_b   97.800
_cell.length_c   81.640
_cell.angle_alpha   90.000
_cell.angle_beta   90.000
_cell.angle_gamma   120.000
#
_symmetry.space_group_name_H-M   'P 61'
#
loop_
_entity.id
_entity.type
_entity.pdbx_description
1 polymer 'DNA polymerase eta'
2 polymer "DNA (5'-D(*CP*AP*TP*TP*AP*TP*GP*AP*CP*GP*CP*T)-3')"
3 polymer "DNA/RNA (5'-D(*AP*GP*CP*GP*TP*CP*A)-R(P*U)-3')"
4 non-polymer 'MANGANESE (II) ION'
5 non-polymer "2'-DEOXYGUANOSINE-5'-TRIPHOSPHATE"
6 water water
#
loop_
_entity_poly.entity_id
_entity_poly.type
_entity_poly.pdbx_seq_one_letter_code
_entity_poly.pdbx_strand_id
1 'polypeptide(L)'
;GPHMATGQDRVVALVDMDCFFVQVEQRQNPHLRNKPCAVVQYKSWKGGGIIAVSYEARAFGVTRSMWADDAKKLCPDLLL
AQVRESRGKANLTKYREASVEVMEIMSRFAVIERASIDEAYVDLTSAVQERLQKLQGQPISADLLPSTYIEGLPQGPTTA
EETVQKEGMRKQGLFQWLDSLQIDNLTSPDLQLTVGAVIVEEMRAAIERETGFQCSAGISHNKVLAKLACGLNKPNRQTL
VSHGSVPQLFSQMPIRKIRSLGGKLGASVIEILGIEYMGELTQFTESQLQSHFGEKNGSWLYAMCRGIEHDPVKPRQLPK
TIGCSKNFPGKTALATREQVQWWLLQLAQELEERLTKDRNDNDRVATQLVVSIRVQGDKRLSSLRRCCALTRYDAHKMSH
DAFTVIKNCNTSGIQTEWSPPLTMLFLCATKFSAS
;
A
2 'polydeoxyribonucleotide' (DC)(DA)(DT)(DT)(DA)(DT)(DG)(DA)(DC)(DG)(DC)(DT) T
3 'polydeoxyribonucleotide/polyribonucleotide hybrid' (DA)(DG)(DC)(DG)(DT)(DC)(DA)U P
#
loop_
_chem_comp.id
_chem_comp.type
_chem_comp.name
_chem_comp.formula
DA DNA linking 2'-DEOXYADENOSINE-5'-MONOPHOSPHATE 'C10 H14 N5 O6 P'
DC DNA linking 2'-DEOXYCYTIDINE-5'-MONOPHOSPHATE 'C9 H14 N3 O7 P'
DG DNA linking 2'-DEOXYGUANOSINE-5'-MONOPHOSPHATE 'C10 H14 N5 O7 P'
DGT non-polymer 2'-DEOXYGUANOSINE-5'-TRIPHOSPHATE 'C10 H16 N5 O13 P3'
DT DNA linking THYMIDINE-5'-MONOPHOSPHATE 'C10 H15 N2 O8 P'
MN non-polymer 'MANGANESE (II) ION' 'Mn 2'
U RNA linking URIDINE-5'-MONOPHOSPHATE 'C9 H13 N2 O9 P'
#
# COMPACT_ATOMS: atom_id res chain seq x y z
N GLY A 1 -23.73 -10.94 -24.95
CA GLY A 1 -23.02 -10.22 -25.98
C GLY A 1 -22.98 -8.71 -25.82
N PRO A 2 -23.86 -8.00 -26.53
CA PRO A 2 -23.82 -6.52 -26.48
C PRO A 2 -24.13 -5.94 -25.11
N HIS A 3 -24.79 -6.69 -24.23
CA HIS A 3 -25.22 -6.20 -22.92
C HIS A 3 -24.35 -6.70 -21.77
N MET A 4 -23.33 -7.50 -22.06
CA MET A 4 -22.39 -7.92 -21.03
C MET A 4 -21.37 -6.80 -20.86
N ALA A 5 -21.60 -5.93 -19.87
CA ALA A 5 -20.69 -4.83 -19.60
C ALA A 5 -19.34 -5.36 -19.17
N THR A 6 -18.28 -4.70 -19.61
CA THR A 6 -16.96 -5.29 -19.54
C THR A 6 -16.04 -4.59 -18.56
N GLY A 7 -16.56 -3.64 -17.79
CA GLY A 7 -15.74 -2.97 -16.80
C GLY A 7 -14.57 -2.30 -17.47
N GLN A 8 -14.89 -1.51 -18.48
CA GLN A 8 -13.90 -0.77 -19.25
C GLN A 8 -14.21 0.72 -19.26
N ASP A 9 -15.07 1.17 -18.34
CA ASP A 9 -15.48 2.57 -18.29
C ASP A 9 -14.40 3.47 -17.70
N ARG A 10 -13.57 2.97 -16.80
CA ARG A 10 -12.62 3.79 -16.07
C ARG A 10 -11.19 3.52 -16.51
N VAL A 11 -10.33 4.53 -16.31
CA VAL A 11 -8.89 4.36 -16.35
C VAL A 11 -8.36 4.62 -14.94
N VAL A 12 -7.77 3.60 -14.33
CA VAL A 12 -7.29 3.65 -12.96
C VAL A 12 -5.83 3.28 -12.96
N ALA A 13 -5.01 4.06 -12.24
CA ALA A 13 -3.60 3.73 -12.07
C ALA A 13 -3.31 3.51 -10.59
N LEU A 14 -2.39 2.60 -10.32
CA LEU A 14 -1.84 2.40 -8.97
C LEU A 14 -0.37 2.79 -9.03
N VAL A 15 0.01 3.83 -8.31
CA VAL A 15 1.39 4.26 -8.25
C VAL A 15 1.98 3.82 -6.91
N ASP A 16 3.17 3.23 -6.96
CA ASP A 16 3.84 2.66 -5.82
C ASP A 16 5.31 3.07 -5.83
N MET A 17 5.75 3.77 -4.78
CA MET A 17 7.16 4.12 -4.66
C MET A 17 8.00 2.87 -4.45
N ASP A 18 9.04 2.70 -5.28
CA ASP A 18 9.98 1.61 -5.12
C ASP A 18 10.70 1.73 -3.78
N CYS A 19 10.76 0.61 -3.03
CA CYS A 19 11.43 0.52 -1.73
C CYS A 19 11.49 1.87 -1.02
N PHE A 20 10.33 2.35 -0.57
CA PHE A 20 10.16 3.77 -0.30
C PHE A 20 11.02 4.26 0.85
N PHE A 21 11.03 3.54 1.98
CA PHE A 21 11.85 4.00 3.12
C PHE A 21 13.33 4.04 2.73
N VAL A 22 13.78 3.05 1.95
CA VAL A 22 15.17 3.04 1.49
C VAL A 22 15.47 4.25 0.62
N GLN A 23 14.59 4.56 -0.33
CA GLN A 23 14.79 5.73 -1.16
C GLN A 23 14.84 7.02 -0.33
N VAL A 24 13.97 7.15 0.67
CA VAL A 24 14.01 8.36 1.51
C VAL A 24 15.36 8.49 2.19
N GLU A 25 15.85 7.37 2.74
CA GLU A 25 17.17 7.41 3.37
C GLU A 25 18.28 7.69 2.35
N GLN A 26 18.10 7.23 1.09
CA GLN A 26 19.15 7.39 0.07
C GLN A 26 19.16 8.78 -0.52
N ARG A 27 18.01 9.44 -0.57
CA ARG A 27 18.01 10.87 -0.84
C ARG A 27 18.77 11.60 0.25
N GLN A 28 18.52 11.25 1.51
CA GLN A 28 19.16 12.02 2.59
C GLN A 28 20.65 11.71 2.72
N ASN A 29 21.05 10.47 2.49
CA ASN A 29 22.46 10.06 2.57
C ASN A 29 22.94 9.52 1.22
N PRO A 30 23.63 10.32 0.41
CA PRO A 30 24.07 9.82 -0.90
C PRO A 30 24.96 8.59 -0.86
N HIS A 31 25.68 8.35 0.24
CA HIS A 31 26.54 7.18 0.30
C HIS A 31 25.76 5.88 0.19
N LEU A 32 24.45 5.93 0.35
CA LEU A 32 23.61 4.75 0.27
C LEU A 32 23.10 4.48 -1.12
N ARG A 33 23.14 5.48 -2.00
CA ARG A 33 22.49 5.37 -3.31
C ARG A 33 23.13 4.27 -4.14
N ASN A 34 22.31 3.56 -4.92
CA ASN A 34 22.81 2.53 -5.85
C ASN A 34 23.68 1.49 -5.15
N LYS A 35 23.27 1.12 -3.95
CA LYS A 35 23.95 0.12 -3.13
C LYS A 35 22.92 -0.86 -2.63
N PRO A 36 23.34 -2.08 -2.29
CA PRO A 36 22.51 -2.93 -1.42
C PRO A 36 22.28 -2.26 -0.08
N CYS A 37 21.03 -1.89 0.19
N CYS A 37 21.06 -1.87 0.21
CA CYS A 37 20.65 -1.10 1.36
CA CYS A 37 20.81 -1.30 1.51
C CYS A 37 19.32 -1.61 1.88
C CYS A 37 19.36 -1.58 1.90
N ALA A 38 19.12 -1.52 3.20
CA ALA A 38 17.84 -1.82 3.79
C ALA A 38 17.59 -0.84 4.92
N VAL A 39 16.33 -0.72 5.32
CA VAL A 39 15.96 0.10 6.47
C VAL A 39 15.53 -0.83 7.59
N VAL A 40 16.00 -0.56 8.81
N VAL A 40 15.90 -0.47 8.82
CA VAL A 40 15.71 -1.39 9.97
CA VAL A 40 15.79 -1.35 9.97
C VAL A 40 15.03 -0.57 11.05
C VAL A 40 15.14 -0.60 11.13
N GLN A 41 14.30 -1.28 11.90
CA GLN A 41 13.72 -0.75 13.14
C GLN A 41 14.41 -1.45 14.31
N TYR A 42 14.93 -0.63 15.24
CA TYR A 42 15.69 -1.16 16.41
C TYR A 42 16.99 -1.81 15.93
N LYS A 43 17.87 -2.22 16.86
CA LYS A 43 19.20 -2.76 16.46
C LYS A 43 19.69 -3.82 17.44
N SER A 44 19.16 -3.83 18.67
CA SER A 44 19.68 -4.75 19.70
C SER A 44 19.32 -6.20 19.36
N TRP A 45 18.04 -6.48 19.14
CA TRP A 45 17.60 -7.86 18.84
C TRP A 45 18.00 -8.24 17.41
N LYS A 46 19.05 -9.03 17.27
CA LYS A 46 19.50 -9.56 15.96
C LYS A 46 19.75 -8.44 14.96
N GLY A 47 20.26 -7.29 15.38
CA GLY A 47 20.60 -6.23 14.46
C GLY A 47 19.44 -5.40 14.01
N GLY A 48 18.22 -5.75 14.43
CA GLY A 48 17.03 -5.03 14.07
C GLY A 48 16.26 -5.69 12.95
N GLY A 49 14.97 -5.40 12.91
CA GLY A 49 14.09 -5.95 11.88
C GLY A 49 14.10 -5.07 10.65
N ILE A 50 14.24 -5.70 9.48
CA ILE A 50 14.30 -4.98 8.21
C ILE A 50 12.88 -4.75 7.73
N ILE A 51 12.56 -3.54 7.31
CA ILE A 51 11.23 -3.23 6.80
C ILE A 51 11.23 -2.74 5.35
N ALA A 52 12.38 -2.52 4.73
CA ALA A 52 12.45 -2.03 3.35
C ALA A 52 13.81 -2.36 2.76
N VAL A 53 13.84 -2.79 1.50
CA VAL A 53 15.04 -3.35 0.91
C VAL A 53 15.20 -2.81 -0.51
N SER A 54 16.36 -2.22 -0.80
CA SER A 54 16.67 -1.80 -2.17
C SER A 54 16.73 -3.01 -3.10
N TYR A 55 16.59 -2.76 -4.41
CA TYR A 55 16.52 -3.88 -5.34
C TYR A 55 17.87 -4.57 -5.48
N GLU A 56 18.96 -3.80 -5.34
CA GLU A 56 20.29 -4.39 -5.29
C GLU A 56 20.42 -5.37 -4.13
N ALA A 57 19.94 -4.97 -2.94
CA ALA A 57 19.94 -5.89 -1.80
C ALA A 57 19.01 -7.08 -2.03
N ARG A 58 17.79 -6.85 -2.55
CA ARG A 58 16.89 -7.97 -2.86
C ARG A 58 17.54 -9.02 -3.76
N ALA A 59 18.45 -8.60 -4.65
CA ALA A 59 19.12 -9.57 -5.51
C ALA A 59 19.94 -10.59 -4.73
N PHE A 60 20.33 -10.26 -3.49
CA PHE A 60 21.01 -11.20 -2.61
C PHE A 60 20.07 -12.04 -1.76
N GLY A 61 18.76 -11.88 -1.89
CA GLY A 61 17.81 -12.57 -1.05
C GLY A 61 17.34 -11.81 0.16
N VAL A 62 17.77 -10.56 0.37
CA VAL A 62 17.33 -9.81 1.54
C VAL A 62 15.86 -9.46 1.36
N THR A 63 15.06 -9.70 2.38
CA THR A 63 13.64 -9.45 2.33
C THR A 63 13.20 -8.66 3.54
N ARG A 64 11.99 -8.13 3.44
CA ARG A 64 11.35 -7.48 4.60
CA ARG A 64 11.39 -7.48 4.61
C ARG A 64 11.05 -8.54 5.65
N SER A 65 10.99 -8.08 6.90
CA SER A 65 10.64 -8.90 8.06
C SER A 65 11.72 -9.94 8.34
N MET A 66 12.95 -9.58 8.04
CA MET A 66 14.11 -10.43 8.22
C MET A 66 15.03 -9.68 9.16
N TRP A 67 15.70 -10.42 10.03
CA TRP A 67 16.62 -9.78 10.97
C TRP A 67 17.84 -9.26 10.23
N ALA A 68 18.34 -8.10 10.66
CA ALA A 68 19.48 -7.53 9.94
C ALA A 68 20.69 -8.45 10.02
N ASP A 69 20.93 -9.08 11.17
CA ASP A 69 22.07 -9.99 11.28
C ASP A 69 21.96 -11.18 10.34
N ASP A 70 20.75 -11.56 9.91
CA ASP A 70 20.61 -12.64 8.94
C ASP A 70 20.85 -12.14 7.52
N ALA A 71 20.25 -10.99 7.21
CA ALA A 71 20.49 -10.32 5.93
C ALA A 71 21.96 -10.12 5.68
N LYS A 72 22.73 -9.84 6.73
CA LYS A 72 24.16 -9.64 6.58
C LYS A 72 24.86 -10.95 6.23
N LYS A 73 24.28 -12.07 6.62
CA LYS A 73 24.82 -13.36 6.19
C LYS A 73 24.58 -13.54 4.70
N LEU A 74 23.42 -13.10 4.21
CA LEU A 74 23.21 -13.23 2.77
C LEU A 74 23.98 -12.18 2.00
N CYS A 75 24.17 -11.00 2.58
CA CYS A 75 24.67 -9.83 1.85
C CYS A 75 25.61 -9.04 2.74
N PRO A 76 26.89 -9.45 2.79
CA PRO A 76 27.79 -8.84 3.79
C PRO A 76 28.13 -7.39 3.53
N ASP A 77 27.96 -6.90 2.30
CA ASP A 77 28.14 -5.48 2.04
C ASP A 77 26.88 -4.66 2.26
N LEU A 78 25.80 -5.27 2.76
CA LEU A 78 24.53 -4.58 2.94
C LEU A 78 24.73 -3.35 3.80
N LEU A 79 24.19 -2.23 3.36
CA LEU A 79 24.16 -1.02 4.16
C LEU A 79 22.79 -0.89 4.83
N LEU A 80 22.78 -0.35 6.04
CA LEU A 80 21.57 -0.26 6.84
C LEU A 80 21.34 1.17 7.26
N ALA A 81 20.13 1.68 7.02
CA ALA A 81 19.66 2.92 7.63
C ALA A 81 18.64 2.59 8.70
N GLN A 82 18.72 3.29 9.83
CA GLN A 82 17.87 3.05 10.99
C GLN A 82 16.71 4.03 11.06
N VAL A 83 15.53 3.50 11.44
CA VAL A 83 14.36 4.33 11.70
C VAL A 83 14.62 5.20 12.93
N ARG A 84 14.18 6.46 12.88
CA ARG A 84 14.32 7.37 14.01
C ARG A 84 13.65 6.77 15.24
N GLU A 85 14.27 6.95 16.40
CA GLU A 85 13.69 6.52 17.68
C GLU A 85 13.39 7.75 18.51
N SER A 86 12.15 7.88 18.98
CA SER A 86 11.74 8.97 19.86
C SER A 86 10.86 8.42 20.96
N ARG A 87 11.08 8.93 22.18
CA ARG A 87 10.39 8.46 23.38
C ARG A 87 10.39 6.95 23.46
N GLY A 88 11.50 6.34 23.07
CA GLY A 88 11.66 4.91 23.23
C GLY A 88 11.00 4.07 22.16
N LYS A 89 10.50 4.67 21.07
CA LYS A 89 9.85 3.87 20.06
C LYS A 89 10.24 4.35 18.68
N ALA A 90 9.91 3.54 17.68
CA ALA A 90 10.10 3.93 16.31
C ALA A 90 9.15 5.08 15.95
N ASN A 91 9.68 6.05 15.20
CA ASN A 91 9.02 7.29 14.81
C ASN A 91 9.08 7.35 13.29
N LEU A 92 7.94 7.24 12.61
CA LEU A 92 7.99 7.16 11.16
C LEU A 92 7.76 8.51 10.48
N THR A 93 8.04 9.60 11.18
CA THR A 93 7.66 10.92 10.71
C THR A 93 8.31 11.28 9.37
N LYS A 94 9.62 11.01 9.24
CA LYS A 94 10.32 11.31 7.99
C LYS A 94 9.63 10.71 6.78
N TYR A 95 9.11 9.49 6.91
CA TYR A 95 8.50 8.83 5.78
C TYR A 95 7.08 9.33 5.51
N ARG A 96 6.31 9.65 6.56
CA ARG A 96 5.01 10.28 6.34
C ARG A 96 5.15 11.63 5.62
N GLU A 97 6.19 12.39 5.97
CA GLU A 97 6.40 13.68 5.31
C GLU A 97 6.88 13.50 3.86
N ALA A 98 7.77 12.53 3.62
CA ALA A 98 8.11 12.21 2.23
C ALA A 98 6.88 11.76 1.44
N SER A 99 6.04 10.93 2.06
CA SER A 99 4.82 10.47 1.43
C SER A 99 3.92 11.62 1.06
N VAL A 100 3.83 12.63 1.91
CA VAL A 100 2.97 13.75 1.61
C VAL A 100 3.53 14.55 0.43
N GLU A 101 4.85 14.71 0.36
CA GLU A 101 5.45 15.31 -0.85
C GLU A 101 4.91 14.62 -2.11
N VAL A 102 5.06 13.30 -2.13
CA VAL A 102 4.65 12.53 -3.32
C VAL A 102 3.17 12.70 -3.60
N MET A 103 2.32 12.53 -2.57
N MET A 103 2.32 12.55 -2.57
CA MET A 103 0.87 12.64 -2.75
CA MET A 103 0.88 12.62 -2.79
C MET A 103 0.49 13.98 -3.33
C MET A 103 0.47 13.98 -3.31
N GLU A 104 1.14 15.05 -2.87
CA GLU A 104 0.78 16.38 -3.32
C GLU A 104 1.11 16.55 -4.78
N ILE A 105 2.22 15.96 -5.23
CA ILE A 105 2.50 16.00 -6.67
C ILE A 105 1.44 15.22 -7.45
N MET A 106 1.12 14.00 -7.02
CA MET A 106 0.13 13.21 -7.77
C MET A 106 -1.20 13.93 -7.86
N SER A 107 -1.63 14.55 -6.77
CA SER A 107 -2.90 15.27 -6.75
C SER A 107 -2.99 16.35 -7.81
N ARG A 108 -1.85 16.82 -8.36
CA ARG A 108 -1.93 17.84 -9.40
C ARG A 108 -2.53 17.31 -10.69
N PHE A 109 -2.39 16.01 -10.94
CA PHE A 109 -2.86 15.39 -12.17
C PHE A 109 -4.29 14.87 -12.06
N ALA A 110 -4.67 14.28 -10.94
CA ALA A 110 -5.97 13.65 -10.81
C ALA A 110 -6.30 13.50 -9.33
N VAL A 111 -7.53 13.08 -9.05
CA VAL A 111 -7.88 12.74 -7.68
C VAL A 111 -7.23 11.42 -7.30
N ILE A 112 -6.73 11.33 -6.07
CA ILE A 112 -6.00 10.16 -5.64
C ILE A 112 -6.64 9.62 -4.37
N GLU A 113 -6.53 8.30 -4.18
CA GLU A 113 -6.87 7.62 -2.94
C GLU A 113 -5.57 7.13 -2.34
N ARG A 114 -5.14 7.74 -1.25
CA ARG A 114 -3.99 7.23 -0.51
C ARG A 114 -4.30 5.83 -0.01
N ALA A 115 -3.62 4.83 -0.57
CA ALA A 115 -3.85 3.46 -0.16
C ALA A 115 -2.88 3.02 0.92
N SER A 116 -1.71 3.63 0.99
CA SER A 116 -0.77 3.41 2.09
C SER A 116 0.29 4.49 1.99
N ILE A 117 1.24 4.46 2.94
CA ILE A 117 2.23 5.53 3.02
C ILE A 117 2.92 5.75 1.70
N ASP A 118 3.05 4.69 0.89
CA ASP A 118 3.84 4.81 -0.32
C ASP A 118 3.07 4.44 -1.58
N GLU A 119 1.74 4.32 -1.50
CA GLU A 119 1.05 4.03 -2.74
C GLU A 119 -0.31 4.67 -2.75
N ALA A 120 -0.69 5.13 -3.93
CA ALA A 120 -1.98 5.76 -4.15
C ALA A 120 -2.62 5.18 -5.40
N TYR A 121 -3.94 5.20 -5.44
CA TYR A 121 -4.68 4.97 -6.67
C TYR A 121 -5.08 6.30 -7.30
N VAL A 122 -5.24 6.29 -8.61
CA VAL A 122 -5.53 7.48 -9.40
C VAL A 122 -6.70 7.15 -10.30
N ASP A 123 -7.69 8.02 -10.33
CA ASP A 123 -8.77 7.94 -11.31
C ASP A 123 -8.45 8.88 -12.47
N LEU A 124 -8.10 8.31 -13.62
CA LEU A 124 -7.67 9.11 -14.76
C LEU A 124 -8.72 9.29 -15.83
N THR A 125 -9.95 8.82 -15.62
CA THR A 125 -10.94 8.84 -16.71
C THR A 125 -11.13 10.25 -17.28
N SER A 126 -11.31 11.24 -16.42
CA SER A 126 -11.50 12.61 -16.89
C SER A 126 -10.23 13.14 -17.54
N ALA A 127 -9.09 12.92 -16.90
CA ALA A 127 -7.84 13.39 -17.46
C ALA A 127 -7.60 12.81 -18.85
N VAL A 128 -7.95 11.54 -19.08
CA VAL A 128 -7.76 10.92 -20.39
CA VAL A 128 -7.72 10.97 -20.40
C VAL A 128 -8.73 11.52 -21.41
N GLN A 129 -9.99 11.71 -21.01
CA GLN A 129 -10.90 12.35 -21.95
C GLN A 129 -10.37 13.71 -22.39
N GLU A 130 -9.97 14.54 -21.43
CA GLU A 130 -9.43 15.85 -21.73
C GLU A 130 -8.25 15.74 -22.70
N ARG A 131 -7.34 14.81 -22.42
CA ARG A 131 -6.14 14.69 -23.25
C ARG A 131 -6.47 14.15 -24.64
N LEU A 132 -7.44 13.25 -24.73
CA LEU A 132 -7.86 12.73 -26.03
C LEU A 132 -8.46 13.83 -26.88
N GLN A 133 -9.20 14.75 -26.26
CA GLN A 133 -9.70 15.90 -27.01
C GLN A 133 -8.56 16.81 -27.42
N LYS A 134 -7.56 16.97 -26.55
CA LYS A 134 -6.43 17.85 -26.86
C LYS A 134 -5.60 17.30 -28.02
N LEU A 135 -5.49 15.98 -28.16
CA LEU A 135 -4.72 15.47 -29.28
C LEU A 135 -5.42 15.75 -30.61
N GLN A 136 -6.75 15.74 -30.63
CA GLN A 136 -7.52 15.84 -31.87
C GLN A 136 -6.98 14.87 -32.91
N GLY A 137 -7.22 13.59 -32.64
CA GLY A 137 -6.91 12.50 -33.55
C GLY A 137 -5.44 12.17 -33.73
N GLN A 138 -4.53 12.87 -33.07
CA GLN A 138 -3.11 12.64 -33.30
C GLN A 138 -2.65 11.31 -32.68
N PRO A 139 -1.91 10.48 -33.41
CA PRO A 139 -1.53 9.16 -32.90
C PRO A 139 -0.44 9.24 -31.84
N ILE A 140 -0.39 8.20 -31.02
CA ILE A 140 0.47 8.19 -29.84
C ILE A 140 1.83 7.62 -30.22
N SER A 141 2.87 8.39 -29.98
CA SER A 141 4.24 8.02 -30.31
C SER A 141 4.86 7.21 -29.17
N ALA A 142 5.62 6.17 -29.55
CA ALA A 142 6.36 5.38 -28.56
C ALA A 142 7.20 6.27 -27.65
N ASP A 143 7.64 7.42 -28.15
CA ASP A 143 8.47 8.31 -27.37
C ASP A 143 7.75 8.80 -26.12
N LEU A 144 6.42 8.80 -26.14
CA LEU A 144 5.64 9.24 -25.00
C LEU A 144 5.55 8.18 -23.91
N LEU A 145 6.04 6.96 -24.19
CA LEU A 145 5.94 5.84 -23.26
C LEU A 145 7.30 5.20 -23.02
N PRO A 146 8.28 5.95 -22.53
CA PRO A 146 9.64 5.41 -22.46
C PRO A 146 9.85 4.35 -21.40
N SER A 147 8.95 4.20 -20.43
CA SER A 147 9.13 3.18 -19.41
C SER A 147 7.94 2.23 -19.30
N THR A 148 7.05 2.23 -20.29
CA THR A 148 5.81 1.47 -20.23
C THR A 148 6.00 0.08 -20.85
N TYR A 149 5.51 -0.95 -20.15
CA TYR A 149 5.38 -2.31 -20.69
C TYR A 149 3.92 -2.57 -21.01
N ILE A 150 3.68 -3.32 -22.08
CA ILE A 150 2.33 -3.78 -22.40
C ILE A 150 2.30 -5.26 -22.06
N GLU A 151 1.52 -5.62 -21.05
CA GLU A 151 1.50 -6.99 -20.58
C GLU A 151 0.90 -7.89 -21.66
N GLY A 152 1.52 -9.06 -21.86
CA GLY A 152 1.11 -9.97 -22.89
C GLY A 152 1.77 -9.75 -24.22
N LEU A 153 2.54 -8.68 -24.37
CA LEU A 153 3.24 -8.39 -25.61
C LEU A 153 4.75 -8.33 -25.36
N PRO A 154 5.55 -8.69 -26.36
CA PRO A 154 5.17 -9.11 -27.71
C PRO A 154 4.66 -10.55 -27.76
N GLN A 155 3.84 -10.92 -28.73
CA GLN A 155 3.59 -12.32 -29.01
C GLN A 155 3.78 -12.51 -30.51
N GLY A 156 3.92 -13.76 -30.93
CA GLY A 156 4.00 -14.12 -32.35
C GLY A 156 5.20 -13.61 -33.14
N GLN A 165 17.67 -8.98 -24.82
CA GLN A 165 17.81 -7.71 -24.10
C GLN A 165 16.45 -7.23 -23.60
N LYS A 166 16.37 -6.88 -22.31
CA LYS A 166 15.10 -6.55 -21.68
C LYS A 166 14.44 -5.34 -22.35
N GLU A 167 15.22 -4.28 -22.56
CA GLU A 167 14.63 -3.10 -23.17
C GLU A 167 14.20 -3.37 -24.61
N GLY A 168 14.89 -4.29 -25.28
CA GLY A 168 14.48 -4.64 -26.64
C GLY A 168 13.10 -5.25 -26.68
N MET A 169 12.87 -6.25 -25.81
CA MET A 169 11.54 -6.81 -25.64
C MET A 169 10.50 -5.72 -25.32
N ARG A 170 10.80 -4.85 -24.35
CA ARG A 170 9.82 -3.81 -24.00
C ARG A 170 9.41 -3.02 -25.23
N LYS A 171 10.39 -2.57 -26.02
CA LYS A 171 10.07 -1.73 -27.17
C LYS A 171 9.30 -2.52 -28.22
N GLN A 172 9.66 -3.79 -28.46
CA GLN A 172 8.88 -4.59 -29.42
C GLN A 172 7.41 -4.66 -29.00
N GLY A 173 7.18 -4.99 -27.72
CA GLY A 173 5.81 -5.08 -27.24
C GLY A 173 5.07 -3.77 -27.38
N LEU A 174 5.73 -2.67 -27.01
CA LEU A 174 5.11 -1.36 -27.21
C LEU A 174 4.78 -1.12 -28.68
N PHE A 175 5.69 -1.49 -29.59
CA PHE A 175 5.46 -1.25 -31.01
C PHE A 175 4.22 -1.99 -31.50
N GLN A 176 4.16 -3.29 -31.17
CA GLN A 176 2.96 -4.09 -31.51
C GLN A 176 1.70 -3.42 -31.01
N TRP A 177 1.72 -2.97 -29.75
CA TRP A 177 0.53 -2.35 -29.17
C TRP A 177 0.13 -1.10 -29.94
N LEU A 178 1.11 -0.22 -30.21
CA LEU A 178 0.83 1.07 -30.86
C LEU A 178 0.39 0.88 -32.31
N ASP A 179 1.02 -0.04 -33.03
CA ASP A 179 0.56 -0.33 -34.38
C ASP A 179 -0.86 -0.89 -34.38
N SER A 180 -1.26 -1.59 -33.32
CA SER A 180 -2.62 -2.14 -33.29
C SER A 180 -3.67 -1.12 -32.85
N LEU A 181 -3.28 0.13 -32.62
N LEU A 181 -3.28 0.13 -32.62
CA LEU A 181 -4.15 1.09 -31.96
CA LEU A 181 -4.15 1.09 -31.95
C LEU A 181 -5.03 1.86 -32.95
C LEU A 181 -5.02 1.86 -32.94
N GLN A 182 -6.29 2.05 -32.57
CA GLN A 182 -7.26 2.79 -33.38
C GLN A 182 -7.43 4.19 -32.79
N ILE A 183 -6.60 5.14 -33.27
CA ILE A 183 -6.51 6.47 -32.67
C ILE A 183 -7.72 7.34 -33.01
N ASP A 184 -8.44 7.04 -34.09
CA ASP A 184 -9.59 7.86 -34.46
C ASP A 184 -10.81 7.62 -33.57
N ASN A 185 -10.84 6.50 -32.85
CA ASN A 185 -11.99 6.13 -32.01
C ASN A 185 -11.73 6.62 -30.59
N LEU A 186 -12.26 7.80 -30.27
CA LEU A 186 -12.06 8.42 -28.94
C LEU A 186 -12.73 7.63 -27.82
N THR A 187 -13.37 6.50 -28.13
CA THR A 187 -14.07 5.69 -27.14
C THR A 187 -13.51 4.28 -27.02
N SER A 188 -12.40 3.97 -27.70
CA SER A 188 -11.78 2.66 -27.55
C SER A 188 -11.13 2.54 -26.18
N PRO A 189 -11.53 1.57 -25.36
CA PRO A 189 -10.88 1.36 -24.07
C PRO A 189 -9.36 1.28 -24.15
N ASP A 190 -8.83 0.57 -25.14
CA ASP A 190 -7.38 0.39 -25.24
C ASP A 190 -6.69 1.73 -25.49
N LEU A 191 -7.29 2.57 -26.32
CA LEU A 191 -6.76 3.92 -26.50
C LEU A 191 -6.82 4.71 -25.19
N GLN A 192 -7.93 4.62 -24.46
CA GLN A 192 -8.01 5.30 -23.17
C GLN A 192 -6.87 4.86 -22.23
N LEU A 193 -6.64 3.55 -22.13
CA LEU A 193 -5.55 3.04 -21.31
C LEU A 193 -4.21 3.60 -21.76
N THR A 194 -3.98 3.64 -23.08
CA THR A 194 -2.72 4.14 -23.61
C THR A 194 -2.49 5.59 -23.21
N VAL A 195 -3.52 6.41 -23.34
CA VAL A 195 -3.38 7.81 -22.94
C VAL A 195 -3.18 7.90 -21.44
N GLY A 196 -3.93 7.10 -20.67
CA GLY A 196 -3.68 7.04 -19.24
C GLY A 196 -2.22 6.76 -18.93
N ALA A 197 -1.61 5.86 -19.70
CA ALA A 197 -0.22 5.51 -19.48
C ALA A 197 0.71 6.67 -19.83
N VAL A 198 0.37 7.44 -20.86
CA VAL A 198 1.17 8.63 -21.14
C VAL A 198 1.13 9.58 -19.96
N ILE A 199 -0.07 9.83 -19.44
CA ILE A 199 -0.19 10.71 -18.27
C ILE A 199 0.58 10.15 -17.09
N VAL A 200 0.59 8.82 -16.92
CA VAL A 200 1.29 8.26 -15.78
C VAL A 200 2.80 8.42 -15.94
N GLU A 201 3.31 8.30 -17.18
CA GLU A 201 4.72 8.62 -17.44
C GLU A 201 5.02 10.05 -17.01
N GLU A 202 4.12 10.98 -17.33
CA GLU A 202 4.32 12.37 -16.93
C GLU A 202 4.28 12.52 -15.41
N MET A 203 3.32 11.87 -14.74
CA MET A 203 3.23 11.94 -13.29
C MET A 203 4.51 11.41 -12.66
N ARG A 204 5.00 10.28 -13.15
CA ARG A 204 6.19 9.68 -12.56
C ARG A 204 7.42 10.53 -12.85
N ALA A 205 7.44 11.20 -14.01
CA ALA A 205 8.55 12.10 -14.28
C ALA A 205 8.53 13.28 -13.32
N ALA A 206 7.34 13.81 -13.04
CA ALA A 206 7.25 14.92 -12.09
C ALA A 206 7.64 14.48 -10.69
N ILE A 207 7.21 13.28 -10.28
CA ILE A 207 7.57 12.78 -8.95
C ILE A 207 9.08 12.68 -8.83
N GLU A 208 9.73 12.15 -9.86
CA GLU A 208 11.19 12.01 -9.79
C GLU A 208 11.90 13.37 -9.87
N ARG A 209 11.52 14.23 -10.84
CA ARG A 209 12.03 15.61 -10.86
C ARG A 209 11.96 16.26 -9.50
N GLU A 210 10.78 16.25 -8.90
CA GLU A 210 10.50 17.13 -7.78
C GLU A 210 10.76 16.47 -6.44
N THR A 211 10.98 15.18 -6.39
CA THR A 211 11.38 14.56 -5.14
C THR A 211 12.65 13.75 -5.25
N GLY A 212 13.03 13.29 -6.43
CA GLY A 212 14.10 12.34 -6.54
C GLY A 212 13.70 10.92 -6.33
N PHE A 213 12.43 10.68 -5.99
CA PHE A 213 11.95 9.34 -5.74
C PHE A 213 11.48 8.73 -7.05
N GLN A 214 11.83 7.46 -7.26
CA GLN A 214 11.33 6.68 -8.38
C GLN A 214 10.19 5.80 -7.92
N CYS A 215 9.28 5.50 -8.84
CA CYS A 215 8.16 4.64 -8.53
C CYS A 215 7.85 3.76 -9.73
N SER A 216 7.09 2.70 -9.46
CA SER A 216 6.44 1.92 -10.49
C SER A 216 4.96 2.26 -10.50
N ALA A 217 4.28 1.88 -11.58
CA ALA A 217 2.84 2.08 -11.63
C ALA A 217 2.19 1.00 -12.49
N GLY A 218 0.90 0.83 -12.26
CA GLY A 218 0.08 -0.03 -13.10
C GLY A 218 -1.06 0.81 -13.66
N ILE A 219 -1.39 0.58 -14.92
CA ILE A 219 -2.52 1.25 -15.57
C ILE A 219 -3.47 0.19 -16.06
N SER A 220 -4.73 0.27 -15.64
CA SER A 220 -5.74 -0.66 -16.14
C SER A 220 -7.10 0.00 -15.98
N HIS A 221 -8.15 -0.82 -15.95
CA HIS A 221 -9.53 -0.33 -15.87
C HIS A 221 -10.11 -0.36 -14.46
N ASN A 222 -9.37 -0.87 -13.48
CA ASN A 222 -9.88 -0.87 -12.11
C ASN A 222 -8.70 -0.99 -11.15
N LYS A 223 -9.01 -0.93 -9.86
CA LYS A 223 -7.96 -0.88 -8.84
C LYS A 223 -7.21 -2.21 -8.74
N VAL A 224 -7.93 -3.32 -8.76
CA VAL A 224 -7.25 -4.61 -8.55
C VAL A 224 -6.27 -4.89 -9.67
N LEU A 225 -6.67 -4.57 -10.92
CA LEU A 225 -5.78 -4.84 -12.04
C LEU A 225 -4.67 -3.80 -12.09
N ALA A 226 -4.96 -2.55 -11.76
CA ALA A 226 -3.88 -1.57 -11.68
C ALA A 226 -2.81 -2.03 -10.71
N LYS A 227 -3.23 -2.48 -9.52
CA LYS A 227 -2.29 -2.93 -8.49
C LYS A 227 -1.51 -4.15 -8.97
N LEU A 228 -2.21 -5.13 -9.58
CA LEU A 228 -1.52 -6.32 -10.08
C LEU A 228 -0.53 -5.98 -11.20
N ALA A 229 -0.92 -5.09 -12.11
CA ALA A 229 -0.04 -4.59 -13.16
C ALA A 229 1.20 -3.93 -12.59
N CYS A 230 1.04 -3.08 -11.58
CA CYS A 230 2.17 -2.35 -11.03
C CYS A 230 3.32 -3.27 -10.65
N GLY A 231 3.01 -4.45 -10.13
CA GLY A 231 4.03 -5.37 -9.67
C GLY A 231 4.67 -6.21 -10.74
N LEU A 232 4.21 -6.14 -11.99
CA LEU A 232 4.77 -7.03 -13.01
C LEU A 232 6.17 -6.60 -13.43
N ASN A 233 6.45 -5.29 -13.40
CA ASN A 233 7.69 -4.73 -13.96
C ASN A 233 8.18 -3.67 -13.00
N LYS A 234 8.88 -4.11 -11.99
CA LYS A 234 9.48 -3.26 -10.99
C LYS A 234 10.99 -3.47 -11.05
N PRO A 235 11.79 -2.46 -10.69
CA PRO A 235 11.44 -1.09 -10.31
C PRO A 235 11.45 -0.10 -11.46
N ASN A 236 10.98 1.12 -11.18
CA ASN A 236 11.10 2.26 -12.10
C ASN A 236 10.51 1.96 -13.48
N ARG A 237 9.37 1.27 -13.50
CA ARG A 237 8.70 0.96 -14.76
C ARG A 237 7.21 0.97 -14.51
N GLN A 238 6.42 1.07 -15.57
CA GLN A 238 4.97 1.02 -15.44
C GLN A 238 4.40 0.02 -16.44
N THR A 239 3.31 -0.64 -16.07
CA THR A 239 2.77 -1.70 -16.91
C THR A 239 1.31 -1.44 -17.17
N LEU A 240 0.94 -1.53 -18.46
CA LEU A 240 -0.43 -1.38 -18.93
C LEU A 240 -1.02 -2.77 -19.10
N VAL A 241 -2.07 -3.06 -18.34
CA VAL A 241 -2.79 -4.32 -18.41
C VAL A 241 -4.14 -4.01 -19.03
N SER A 242 -4.33 -4.46 -20.26
CA SER A 242 -5.56 -4.22 -20.99
C SER A 242 -6.62 -5.25 -20.61
N HIS A 243 -7.89 -4.91 -20.87
CA HIS A 243 -8.96 -5.88 -20.72
C HIS A 243 -8.63 -7.16 -21.49
N GLY A 244 -8.21 -7.02 -22.76
CA GLY A 244 -7.93 -8.19 -23.58
C GLY A 244 -6.80 -9.06 -23.07
N SER A 245 -5.92 -8.52 -22.24
CA SER A 245 -4.82 -9.36 -21.76
C SER A 245 -5.19 -10.18 -20.53
N VAL A 246 -6.39 -10.01 -20.00
CA VAL A 246 -6.74 -10.68 -18.73
C VAL A 246 -6.78 -12.21 -18.86
N PRO A 247 -7.50 -12.81 -19.84
CA PRO A 247 -7.50 -14.29 -19.93
C PRO A 247 -6.13 -14.95 -19.88
N GLN A 248 -5.14 -14.45 -20.63
CA GLN A 248 -3.84 -15.12 -20.59
C GLN A 248 -3.14 -14.85 -19.26
N LEU A 249 -3.13 -13.59 -18.83
CA LEU A 249 -2.49 -13.24 -17.56
C LEU A 249 -3.07 -14.06 -16.42
N PHE A 250 -4.40 -14.07 -16.30
CA PHE A 250 -5.01 -14.83 -15.21
C PHE A 250 -4.87 -16.33 -15.38
N SER A 251 -4.54 -16.83 -16.58
CA SER A 251 -4.61 -18.28 -16.75
C SER A 251 -3.52 -18.99 -15.96
N GLN A 252 -2.48 -18.25 -15.53
CA GLN A 252 -1.42 -18.80 -14.70
C GLN A 252 -1.17 -17.97 -13.45
N MET A 253 -2.04 -17.02 -13.13
CA MET A 253 -1.91 -16.16 -11.97
C MET A 253 -2.39 -16.93 -10.74
N PRO A 254 -1.50 -17.31 -9.81
CA PRO A 254 -1.95 -17.83 -8.52
C PRO A 254 -3.00 -16.93 -7.89
N ILE A 255 -4.05 -17.53 -7.34
CA ILE A 255 -5.12 -16.75 -6.75
C ILE A 255 -4.56 -15.78 -5.70
N ARG A 256 -3.53 -16.20 -4.95
CA ARG A 256 -3.03 -15.38 -3.85
C ARG A 256 -2.37 -14.07 -4.31
N LYS A 257 -2.13 -13.90 -5.61
CA LYS A 257 -1.49 -12.68 -6.07
C LYS A 257 -2.47 -11.53 -6.21
N ILE A 258 -3.77 -11.82 -6.10
CA ILE A 258 -4.83 -10.84 -6.28
C ILE A 258 -5.08 -10.16 -4.95
N ARG A 259 -5.19 -8.83 -4.95
CA ARG A 259 -5.39 -8.10 -3.70
C ARG A 259 -6.62 -8.63 -2.97
N SER A 260 -6.42 -9.08 -1.73
CA SER A 260 -7.43 -9.51 -0.77
C SER A 260 -7.64 -11.01 -0.83
N LEU A 261 -7.01 -11.68 -1.80
CA LEU A 261 -7.04 -13.15 -1.84
C LEU A 261 -5.76 -13.76 -1.28
N GLY A 262 -4.85 -12.96 -0.76
CA GLY A 262 -3.58 -13.47 -0.29
C GLY A 262 -3.62 -14.17 1.05
N GLY A 263 -4.79 -14.24 1.68
CA GLY A 263 -4.93 -14.81 3.01
C GLY A 263 -5.88 -15.98 3.09
N LYS A 264 -6.75 -15.96 4.11
CA LYS A 264 -7.61 -17.12 4.39
C LYS A 264 -8.66 -17.32 3.30
N LEU A 265 -9.30 -16.24 2.85
CA LEU A 265 -10.32 -16.37 1.82
C LEU A 265 -9.73 -16.96 0.55
N GLY A 266 -8.58 -16.45 0.11
CA GLY A 266 -7.92 -17.05 -1.04
C GLY A 266 -7.62 -18.53 -0.84
N ALA A 267 -7.13 -18.89 0.35
CA ALA A 267 -6.82 -20.30 0.64
C ALA A 267 -8.07 -21.16 0.58
N SER A 268 -9.20 -20.63 1.05
CA SER A 268 -10.41 -21.42 0.97
C SER A 268 -10.95 -21.49 -0.45
N VAL A 269 -10.83 -20.42 -1.26
CA VAL A 269 -11.13 -20.53 -2.68
C VAL A 269 -10.35 -21.71 -3.27
N ILE A 270 -9.06 -21.75 -2.99
CA ILE A 270 -8.19 -22.78 -3.55
C ILE A 270 -8.63 -24.16 -3.07
N GLU A 271 -8.91 -24.29 -1.77
CA GLU A 271 -9.22 -25.60 -1.18
C GLU A 271 -10.63 -26.09 -1.56
N ILE A 272 -11.64 -25.20 -1.48
CA ILE A 272 -13.01 -25.59 -1.74
C ILE A 272 -13.22 -25.86 -3.23
N LEU A 273 -12.76 -24.95 -4.09
CA LEU A 273 -13.00 -25.13 -5.50
C LEU A 273 -12.03 -26.11 -6.17
N GLY A 274 -10.89 -26.40 -5.54
CA GLY A 274 -9.94 -27.31 -6.14
C GLY A 274 -9.14 -26.71 -7.28
N ILE A 275 -8.82 -25.42 -7.21
CA ILE A 275 -8.16 -24.70 -8.28
C ILE A 275 -6.90 -24.03 -7.73
N GLU A 276 -6.07 -23.52 -8.65
CA GLU A 276 -4.83 -22.78 -8.39
C GLU A 276 -4.84 -21.35 -8.92
N TYR A 277 -5.34 -21.14 -10.14
CA TYR A 277 -5.14 -19.89 -10.86
C TYR A 277 -6.43 -19.10 -10.96
N MET A 278 -6.27 -17.78 -11.06
CA MET A 278 -7.40 -16.86 -11.13
C MET A 278 -8.38 -17.24 -12.27
N GLY A 279 -7.86 -17.63 -13.43
CA GLY A 279 -8.72 -17.86 -14.58
C GLY A 279 -9.67 -19.04 -14.41
N GLU A 280 -9.25 -20.07 -13.68
CA GLU A 280 -10.14 -21.17 -13.36
C GLU A 280 -11.43 -20.70 -12.70
N LEU A 281 -11.42 -19.51 -12.07
CA LEU A 281 -12.65 -19.05 -11.45
C LEU A 281 -13.77 -18.85 -12.46
N THR A 282 -13.43 -18.53 -13.72
CA THR A 282 -14.49 -18.26 -14.70
C THR A 282 -15.45 -19.42 -14.85
N GLN A 283 -15.02 -20.64 -14.50
CA GLN A 283 -15.89 -21.76 -14.83
C GLN A 283 -17.09 -21.90 -13.89
N PHE A 284 -17.16 -21.13 -12.80
CA PHE A 284 -18.21 -21.24 -11.82
C PHE A 284 -19.26 -20.15 -12.05
N THR A 285 -20.53 -20.49 -11.80
CA THR A 285 -21.52 -19.44 -11.92
C THR A 285 -21.41 -18.49 -10.74
N GLU A 286 -22.00 -17.31 -10.89
CA GLU A 286 -22.01 -16.36 -9.80
C GLU A 286 -22.64 -16.98 -8.56
N SER A 287 -23.77 -17.67 -8.74
CA SER A 287 -24.45 -18.24 -7.59
C SER A 287 -23.57 -19.25 -6.86
N GLN A 288 -22.82 -20.05 -7.60
CA GLN A 288 -21.92 -21.01 -6.95
C GLN A 288 -20.92 -20.30 -6.05
N LEU A 289 -20.32 -19.21 -6.56
CA LEU A 289 -19.31 -18.50 -5.80
C LEU A 289 -19.93 -17.84 -4.58
N GLN A 290 -21.11 -17.26 -4.74
CA GLN A 290 -21.82 -16.67 -3.60
C GLN A 290 -22.13 -17.73 -2.55
N SER A 291 -22.50 -18.93 -3.00
CA SER A 291 -22.81 -20.00 -2.05
CA SER A 291 -22.81 -20.00 -2.06
C SER A 291 -21.59 -20.36 -1.23
N HIS A 292 -20.42 -20.43 -1.86
CA HIS A 292 -19.23 -20.83 -1.13
C HIS A 292 -18.66 -19.71 -0.26
N PHE A 293 -18.76 -18.47 -0.71
CA PHE A 293 -17.98 -17.39 -0.13
C PHE A 293 -18.83 -16.21 0.29
N GLY A 294 -20.15 -16.30 0.17
CA GLY A 294 -21.00 -15.20 0.54
C GLY A 294 -21.31 -14.29 -0.63
N GLU A 295 -22.36 -13.48 -0.46
CA GLU A 295 -22.92 -12.78 -1.60
C GLU A 295 -21.96 -11.73 -2.15
N LYS A 296 -21.34 -10.94 -1.27
CA LYS A 296 -20.40 -9.90 -1.71
C LYS A 296 -19.17 -10.50 -2.36
N ASN A 297 -18.45 -11.35 -1.62
CA ASN A 297 -17.28 -12.03 -2.15
C ASN A 297 -17.61 -12.79 -3.42
N GLY A 298 -18.77 -13.45 -3.47
CA GLY A 298 -19.14 -14.20 -4.67
C GLY A 298 -19.28 -13.31 -5.89
N SER A 299 -20.10 -12.26 -5.78
CA SER A 299 -20.22 -11.29 -6.88
C SER A 299 -18.85 -10.75 -7.27
N TRP A 300 -18.04 -10.37 -6.28
CA TRP A 300 -16.75 -9.76 -6.56
C TRP A 300 -15.83 -10.72 -7.28
N LEU A 301 -15.86 -12.02 -6.90
CA LEU A 301 -15.01 -13.02 -7.54
C LEU A 301 -15.49 -13.34 -8.95
N TYR A 302 -16.81 -13.45 -9.12
CA TYR A 302 -17.37 -13.69 -10.45
C TYR A 302 -16.94 -12.61 -11.42
N ALA A 303 -17.01 -11.34 -11.01
CA ALA A 303 -16.58 -10.28 -11.92
C ALA A 303 -15.06 -10.18 -12.03
N MET A 304 -14.34 -10.41 -10.94
CA MET A 304 -12.90 -10.15 -10.91
C MET A 304 -12.14 -11.16 -11.75
N CYS A 305 -12.58 -12.43 -11.75
CA CYS A 305 -11.87 -13.38 -12.61
C CYS A 305 -12.07 -13.08 -14.10
N ARG A 306 -13.03 -12.23 -14.43
CA ARG A 306 -13.19 -11.73 -15.78
C ARG A 306 -12.55 -10.36 -15.97
N GLY A 307 -11.84 -9.86 -14.96
CA GLY A 307 -11.16 -8.58 -15.10
C GLY A 307 -12.00 -7.37 -14.77
N ILE A 308 -13.11 -7.55 -14.07
CA ILE A 308 -14.08 -6.50 -13.80
C ILE A 308 -14.20 -6.31 -12.32
N GLU A 309 -14.12 -5.06 -11.88
CA GLU A 309 -14.17 -4.66 -10.47
C GLU A 309 -14.64 -3.22 -10.42
N HIS A 310 -15.55 -2.93 -9.50
CA HIS A 310 -16.20 -1.62 -9.52
C HIS A 310 -15.85 -0.75 -8.34
N ASP A 311 -15.05 -1.24 -7.39
CA ASP A 311 -14.60 -0.44 -6.27
C ASP A 311 -14.07 0.89 -6.78
N PRO A 312 -14.62 2.02 -6.32
CA PRO A 312 -14.19 3.31 -6.86
C PRO A 312 -12.89 3.78 -6.23
N VAL A 313 -12.23 4.67 -6.96
CA VAL A 313 -11.08 5.39 -6.43
C VAL A 313 -11.65 6.46 -5.52
N LYS A 314 -11.52 6.28 -4.21
CA LYS A 314 -12.07 7.25 -3.29
C LYS A 314 -11.22 8.50 -3.26
N PRO A 315 -11.81 9.69 -3.31
CA PRO A 315 -11.02 10.92 -3.19
C PRO A 315 -10.61 11.11 -1.73
N ARG A 316 -9.51 10.49 -1.33
CA ARG A 316 -9.03 10.62 0.05
C ARG A 316 -7.50 10.62 -0.03
N GLN A 317 -6.91 11.78 0.16
CA GLN A 317 -5.48 11.91 0.18
C GLN A 317 -4.89 11.75 1.58
N LEU A 318 -5.69 11.88 2.62
CA LEU A 318 -5.16 11.88 3.96
C LEU A 318 -5.60 10.62 4.70
N PRO A 319 -4.77 10.11 5.62
CA PRO A 319 -5.20 8.97 6.44
C PRO A 319 -6.48 9.31 7.20
N LYS A 320 -7.28 8.26 7.44
CA LYS A 320 -8.57 8.41 8.17
C LYS A 320 -8.38 8.21 9.68
N THR A 321 -7.25 7.68 10.12
CA THR A 321 -6.95 7.46 11.53
C THR A 321 -5.47 7.78 11.75
N ILE A 322 -5.12 8.15 12.96
CA ILE A 322 -3.73 8.46 13.29
C ILE A 322 -3.34 7.64 14.50
N GLY A 323 -2.35 6.78 14.35
CA GLY A 323 -2.12 5.72 15.31
C GLY A 323 -0.67 5.60 15.74
N CYS A 324 -0.52 5.13 16.99
CA CYS A 324 0.76 4.96 17.66
CA CYS A 324 0.76 4.95 17.67
C CYS A 324 0.77 3.57 18.29
N SER A 325 1.76 2.77 17.98
CA SER A 325 1.74 1.38 18.39
C SER A 325 3.14 0.96 18.81
N LYS A 326 3.22 0.10 19.82
CA LYS A 326 4.50 -0.54 20.14
C LYS A 326 4.27 -1.92 20.74
N ASN A 327 4.94 -2.92 20.14
CA ASN A 327 5.04 -4.26 20.70
C ASN A 327 6.08 -4.30 21.80
N PHE A 328 5.83 -5.16 22.78
CA PHE A 328 6.75 -5.45 23.88
C PHE A 328 6.95 -6.94 23.96
N PRO A 329 7.65 -7.53 22.98
CA PRO A 329 7.65 -8.98 22.85
C PRO A 329 8.60 -9.64 23.84
N GLY A 330 8.38 -10.93 24.03
CA GLY A 330 9.24 -11.72 24.90
C GLY A 330 9.26 -11.18 26.32
N LYS A 331 10.47 -11.10 26.88
CA LYS A 331 10.70 -10.71 28.26
C LYS A 331 10.58 -9.22 28.50
N THR A 332 10.34 -8.41 27.47
CA THR A 332 10.14 -6.98 27.68
C THR A 332 8.68 -6.63 27.96
N ALA A 333 7.80 -7.63 27.99
CA ALA A 333 6.38 -7.40 28.25
C ALA A 333 6.19 -6.62 29.54
N LEU A 334 5.29 -5.63 29.49
CA LEU A 334 5.09 -4.72 30.62
C LEU A 334 4.37 -5.44 31.75
N ALA A 335 4.94 -5.40 32.95
CA ALA A 335 4.43 -6.17 34.08
C ALA A 335 4.10 -5.34 35.31
N THR A 336 4.31 -4.03 35.29
CA THR A 336 3.95 -3.20 36.43
C THR A 336 3.05 -2.07 35.96
N ARG A 337 2.39 -1.45 36.93
CA ARG A 337 1.55 -0.30 36.64
C ARG A 337 2.38 0.88 36.15
N GLU A 338 3.51 1.13 36.79
CA GLU A 338 4.36 2.25 36.40
C GLU A 338 4.78 2.13 34.94
N GLN A 339 5.13 0.92 34.50
CA GLN A 339 5.54 0.66 33.13
C GLN A 339 4.42 0.95 32.14
N VAL A 340 3.23 0.41 32.42
CA VAL A 340 2.12 0.61 31.50
C VAL A 340 1.78 2.08 31.42
N GLN A 341 1.85 2.79 32.53
CA GLN A 341 1.54 4.21 32.50
C GLN A 341 2.58 4.98 31.70
N TRP A 342 3.86 4.71 31.94
CA TRP A 342 4.90 5.48 31.27
C TRP A 342 4.86 5.25 29.76
N TRP A 343 4.58 4.02 29.33
CA TRP A 343 4.51 3.81 27.89
C TRP A 343 3.22 4.37 27.29
N LEU A 344 2.09 4.28 27.99
CA LEU A 344 0.90 4.95 27.50
C LEU A 344 1.17 6.43 27.34
N LEU A 345 1.98 6.99 28.23
CA LEU A 345 2.32 8.41 28.13
C LEU A 345 3.23 8.66 26.95
N GLN A 346 4.20 7.79 26.70
CA GLN A 346 5.07 8.00 25.54
C GLN A 346 4.25 7.93 24.25
N LEU A 347 3.34 6.96 24.17
CA LEU A 347 2.44 6.86 23.03
C LEU A 347 1.59 8.11 22.89
N ALA A 348 1.02 8.56 24.00
CA ALA A 348 0.13 9.71 23.96
C ALA A 348 0.87 10.96 23.56
N GLN A 349 2.16 11.06 23.91
CA GLN A 349 2.97 12.22 23.54
C GLN A 349 3.26 12.22 22.03
N GLU A 350 3.63 11.06 21.46
CA GLU A 350 3.80 11.04 20.01
C GLU A 350 2.47 11.36 19.32
N LEU A 351 1.38 10.78 19.81
CA LEU A 351 0.08 10.99 19.20
C LEU A 351 -0.32 12.46 19.24
N GLU A 352 -0.09 13.12 20.38
CA GLU A 352 -0.38 14.55 20.51
C GLU A 352 0.39 15.37 19.48
N GLU A 353 1.70 15.12 19.35
CA GLU A 353 2.49 15.79 18.30
C GLU A 353 1.86 15.61 16.92
N ARG A 354 1.64 14.37 16.53
CA ARG A 354 1.10 14.09 15.17
C ARG A 354 -0.28 14.75 15.01
N LEU A 355 -1.13 14.68 16.03
CA LEU A 355 -2.49 15.22 15.93
C LEU A 355 -2.49 16.74 15.84
N THR A 356 -1.66 17.43 16.61
CA THR A 356 -1.62 18.88 16.51
C THR A 356 -1.13 19.30 15.13
N LYS A 357 -0.10 18.63 14.61
CA LYS A 357 0.34 18.91 13.25
C LYS A 357 -0.78 18.63 12.25
N ASP A 358 -1.51 17.53 12.43
CA ASP A 358 -2.61 17.21 11.55
C ASP A 358 -3.71 18.27 11.59
N ARG A 359 -4.08 18.72 12.79
CA ARG A 359 -5.08 19.79 12.90
C ARG A 359 -4.63 21.06 12.20
N ASN A 360 -3.36 21.42 12.31
CA ASN A 360 -2.90 22.65 11.67
C ASN A 360 -2.85 22.50 10.15
N ASP A 361 -2.44 21.33 9.67
CA ASP A 361 -2.27 21.11 8.24
C ASP A 361 -3.60 20.91 7.53
N ASN A 362 -4.51 20.15 8.14
CA ASN A 362 -5.61 19.54 7.40
C ASN A 362 -6.98 19.94 7.96
N ASP A 363 -7.03 20.89 8.89
CA ASP A 363 -8.29 21.49 9.36
C ASP A 363 -9.30 20.46 9.80
N ARG A 364 -8.91 19.67 10.80
CA ARG A 364 -9.82 18.65 11.31
C ARG A 364 -9.32 18.20 12.67
N VAL A 365 -10.25 17.76 13.51
CA VAL A 365 -9.96 17.25 14.84
C VAL A 365 -10.50 15.83 14.97
N ALA A 366 -9.72 14.96 15.58
CA ALA A 366 -10.26 13.67 15.95
C ALA A 366 -11.09 13.80 17.21
N THR A 367 -12.07 12.91 17.33
CA THR A 367 -13.02 12.95 18.43
C THR A 367 -13.09 11.65 19.21
N GLN A 368 -12.38 10.61 18.81
CA GLN A 368 -12.48 9.33 19.48
C GLN A 368 -11.10 8.71 19.63
N LEU A 369 -10.77 8.25 20.83
CA LEU A 369 -9.50 7.59 21.10
C LEU A 369 -9.77 6.09 21.25
N VAL A 370 -9.06 5.29 20.48
CA VAL A 370 -9.15 3.84 20.55
C VAL A 370 -7.90 3.32 21.23
N VAL A 371 -8.07 2.48 22.24
CA VAL A 371 -6.95 1.88 22.95
CA VAL A 371 -6.97 1.87 22.99
C VAL A 371 -7.02 0.37 22.75
N SER A 372 -5.96 -0.17 22.17
CA SER A 372 -5.83 -1.61 21.96
C SER A 372 -4.60 -2.11 22.70
N ILE A 373 -4.75 -3.27 23.32
CA ILE A 373 -3.63 -3.92 23.99
C ILE A 373 -3.63 -5.39 23.60
N ARG A 374 -2.45 -5.99 23.71
CA ARG A 374 -2.26 -7.44 23.71
C ARG A 374 -1.68 -7.86 25.05
N VAL A 375 -2.13 -9.00 25.56
CA VAL A 375 -1.56 -9.56 26.78
C VAL A 375 -0.77 -10.82 26.41
N GLN A 376 0.22 -11.12 27.24
CA GLN A 376 1.15 -12.19 26.92
C GLN A 376 0.42 -13.52 26.87
N GLY A 377 0.79 -14.33 25.87
CA GLY A 377 0.18 -15.62 25.71
C GLY A 377 -1.17 -15.60 25.05
N ASP A 378 -1.75 -14.43 24.80
CA ASP A 378 -3.00 -14.40 24.07
C ASP A 378 -2.73 -14.69 22.60
N LYS A 379 -3.53 -15.59 22.04
CA LYS A 379 -3.42 -15.96 20.63
C LYS A 379 -3.70 -14.78 19.70
N ARG A 380 -4.61 -13.88 20.10
CA ARG A 380 -5.08 -12.81 19.25
C ARG A 380 -4.06 -11.66 19.17
N LEU A 381 -4.14 -10.88 18.07
CA LEU A 381 -3.28 -9.71 17.90
C LEU A 381 -3.78 -8.52 18.70
N SER A 382 -5.09 -8.43 18.88
CA SER A 382 -5.72 -7.49 19.81
C SER A 382 -6.36 -8.31 20.90
N SER A 383 -5.79 -8.25 22.10
CA SER A 383 -6.47 -8.86 23.23
C SER A 383 -7.66 -8.02 23.66
N LEU A 384 -7.59 -6.72 23.45
CA LEU A 384 -8.74 -5.87 23.78
C LEU A 384 -8.65 -4.54 23.05
N ARG A 385 -9.81 -4.06 22.63
CA ARG A 385 -9.94 -2.79 21.92
C ARG A 385 -11.12 -2.06 22.55
N ARG A 386 -10.88 -0.92 23.15
CA ARG A 386 -11.96 -0.14 23.75
CA ARG A 386 -11.95 -0.13 23.75
C ARG A 386 -11.77 1.33 23.39
N CYS A 387 -12.89 2.00 23.12
CA CYS A 387 -12.85 3.40 22.71
C CYS A 387 -13.32 4.29 23.85
N CYS A 388 -12.83 5.53 23.87
CA CYS A 388 -13.32 6.56 24.78
C CYS A 388 -13.32 7.88 24.02
N ALA A 389 -13.82 8.93 24.64
CA ALA A 389 -13.89 10.22 23.95
C ALA A 389 -12.51 10.85 23.87
N LEU A 390 -12.27 11.56 22.77
CA LEU A 390 -11.04 12.34 22.56
C LEU A 390 -11.46 13.80 22.39
N THR A 391 -11.32 14.58 23.46
CA THR A 391 -11.87 15.92 23.53
C THR A 391 -10.83 17.02 23.48
N ARG A 392 -9.60 16.76 23.90
CA ARG A 392 -8.52 17.73 23.74
C ARG A 392 -7.22 17.01 23.45
N TYR A 393 -6.36 17.67 22.70
CA TYR A 393 -5.09 17.09 22.27
C TYR A 393 -4.08 17.31 23.40
N ASP A 394 -4.21 16.50 24.44
CA ASP A 394 -3.32 16.55 25.60
C ASP A 394 -2.86 15.15 25.94
N ALA A 395 -1.55 14.94 25.88
CA ALA A 395 -0.98 13.60 26.05
C ALA A 395 -1.28 13.04 27.43
N HIS A 396 -1.19 13.87 28.47
CA HIS A 396 -1.45 13.35 29.82
C HIS A 396 -2.88 12.87 29.95
N LYS A 397 -3.84 13.65 29.46
CA LYS A 397 -5.23 13.21 29.54
C LYS A 397 -5.47 11.97 28.70
N MET A 398 -4.91 11.92 27.49
CA MET A 398 -5.13 10.76 26.62
C MET A 398 -4.57 9.49 27.25
N SER A 399 -3.36 9.56 27.82
CA SER A 399 -2.78 8.41 28.51
C SER A 399 -3.59 8.03 29.75
N HIS A 400 -3.99 9.03 30.55
CA HIS A 400 -4.83 8.73 31.72
C HIS A 400 -6.13 8.02 31.31
N ASP A 401 -6.76 8.45 30.20
CA ASP A 401 -8.00 7.85 29.75
C ASP A 401 -7.79 6.45 29.20
N ALA A 402 -6.73 6.24 28.43
CA ALA A 402 -6.41 4.90 27.97
C ALA A 402 -6.22 3.95 29.14
N PHE A 403 -5.54 4.42 30.20
CA PHE A 403 -5.40 3.57 31.38
C PHE A 403 -6.73 3.31 32.04
N THR A 404 -7.49 4.37 32.32
CA THR A 404 -8.84 4.24 32.84
C THR A 404 -9.64 3.21 32.08
N VAL A 405 -9.42 3.12 30.79
CA VAL A 405 -10.21 2.25 29.93
C VAL A 405 -9.70 0.82 29.86
N ILE A 406 -8.41 0.59 30.14
CA ILE A 406 -7.87 -0.77 30.11
C ILE A 406 -7.59 -1.38 31.49
N LYS A 407 -7.70 -0.60 32.58
CA LYS A 407 -7.12 -1.04 33.85
C LYS A 407 -7.78 -2.30 34.41
N ASN A 408 -9.05 -2.54 34.11
CA ASN A 408 -9.69 -3.75 34.63
C ASN A 408 -9.21 -5.04 33.93
N CYS A 409 -8.20 -4.97 33.07
CA CYS A 409 -7.54 -6.17 32.57
C CYS A 409 -6.46 -6.69 33.51
N ASN A 410 -5.93 -5.82 34.37
CA ASN A 410 -4.98 -6.24 35.38
C ASN A 410 -5.65 -7.18 36.40
N THR A 411 -5.12 -8.40 36.52
CA THR A 411 -5.66 -9.38 37.47
C THR A 411 -4.82 -9.51 38.74
N SER A 412 -3.81 -8.66 38.93
CA SER A 412 -2.96 -8.71 40.11
C SER A 412 -3.74 -8.31 41.38
N GLY A 413 -3.06 -8.41 42.52
CA GLY A 413 -3.60 -7.98 43.80
C GLY A 413 -2.82 -6.84 44.43
N THR A 416 -0.32 -3.04 41.95
CA THR A 416 0.99 -2.48 41.59
C THR A 416 1.62 -3.27 40.46
N GLU A 417 1.31 -4.56 40.42
CA GLU A 417 1.76 -5.40 39.33
C GLU A 417 0.77 -5.34 38.16
N TRP A 418 1.18 -5.94 37.06
CA TRP A 418 0.30 -6.10 35.91
C TRP A 418 0.42 -7.52 35.40
N SER A 419 -0.71 -8.22 35.31
CA SER A 419 -0.72 -9.57 34.80
C SER A 419 -2.05 -9.77 34.09
N PRO A 420 -2.07 -10.57 33.00
CA PRO A 420 -0.93 -11.05 32.20
C PRO A 420 -0.16 -9.85 31.69
N PRO A 421 1.19 -9.90 31.68
CA PRO A 421 1.96 -8.77 31.16
C PRO A 421 1.52 -8.40 29.74
N LEU A 422 1.67 -7.12 29.41
CA LEU A 422 1.23 -6.60 28.13
C LEU A 422 2.33 -6.68 27.07
N THR A 423 1.98 -7.25 25.92
CA THR A 423 2.91 -7.38 24.82
C THR A 423 2.65 -6.38 23.70
N MET A 424 1.64 -5.51 23.85
CA MET A 424 1.40 -4.47 22.85
C MET A 424 0.56 -3.37 23.48
N LEU A 425 0.93 -2.13 23.21
CA LEU A 425 0.07 -0.98 23.42
C LEU A 425 -0.20 -0.31 22.08
N PHE A 426 -1.37 0.32 21.99
CA PHE A 426 -1.81 0.92 20.72
CA PHE A 426 -1.81 0.91 20.72
C PHE A 426 -2.84 1.98 21.03
N LEU A 427 -2.58 3.22 20.61
CA LEU A 427 -3.51 4.33 20.70
C LEU A 427 -3.84 4.77 19.30
N CYS A 428 -5.12 5.00 19.01
CA CYS A 428 -5.51 5.45 17.68
C CYS A 428 -6.56 6.55 17.80
N ALA A 429 -6.27 7.71 17.21
CA ALA A 429 -7.25 8.77 17.06
C ALA A 429 -8.05 8.51 15.80
N THR A 430 -9.38 8.52 15.92
CA THR A 430 -10.29 8.26 14.80
C THR A 430 -11.43 9.27 14.86
N LYS A 431 -12.40 9.10 13.95
CA LYS A 431 -13.64 9.89 13.91
C LYS A 431 -13.35 11.38 13.77
N PHE A 432 -12.74 11.72 12.64
CA PHE A 432 -12.35 13.10 12.37
C PHE A 432 -13.55 13.95 11.96
N SER A 433 -13.53 15.21 12.36
CA SER A 433 -14.54 16.18 11.99
C SER A 433 -13.83 17.48 11.60
N ALA A 434 -14.34 18.17 10.57
CA ALA A 434 -13.71 19.39 10.10
C ALA A 434 -13.61 20.42 11.23
N SER A 435 -12.46 21.05 11.34
CA SER A 435 -12.18 22.00 12.42
C SER A 435 -11.94 23.40 11.90
MN MN D . 6.49 0.42 -2.62
MN MN E . 3.27 0.01 -1.38
PG DGT F . 8.42 -2.19 -3.35
O1G DGT F . 9.26 -1.39 -4.34
O2G DGT F . 7.01 -1.59 -3.29
O3G DGT F . 8.41 -3.70 -3.66
O3B DGT F . 9.05 -1.86 -1.92
PB DGT F . 8.40 -1.05 -0.70
O1B DGT F . 9.44 -0.94 0.47
O2B DGT F . 7.85 0.26 -1.13
O3A DGT F . 7.28 -2.07 -0.23
PA DGT F . 5.74 -1.85 0.08
O1A DGT F . 5.19 -0.98 -1.08
O2A DGT F . 5.07 -3.18 0.21
O5' DGT F . 5.70 -0.95 1.46
C5' DGT F . 5.83 0.49 1.53
C4' DGT F . 6.77 0.95 2.62
O4' DGT F . 6.13 0.82 3.91
C3' DGT F . 8.09 0.20 2.73
O3' DGT F . 9.10 0.87 1.98
C2' DGT F . 8.41 0.28 4.21
C1' DGT F . 7.05 0.38 4.89
N9 DGT F . 6.56 -0.89 5.45
C8 DGT F . 6.17 -2.02 4.78
N7 DGT F . 5.85 -3.02 5.61
C5 DGT F . 6.07 -2.48 6.88
C6 DGT F . 5.99 -3.05 8.17
O6 DGT F . 5.62 -4.21 8.37
N1 DGT F . 6.32 -2.29 9.24
C2 DGT F . 6.73 -0.99 8.99
N2 DGT F . 7.05 -0.27 10.07
N3 DGT F . 6.81 -0.41 7.79
C4 DGT F . 6.49 -1.20 6.78
#